data_3QF9
#
_entry.id   3QF9
#
_cell.length_a   97.843
_cell.length_b   97.843
_cell.length_c   80.428
_cell.angle_alpha   90.000
_cell.angle_beta   90.000
_cell.angle_gamma   120.000
#
_symmetry.space_group_name_H-M   'P 65'
#
loop_
_entity.id
_entity.type
_entity.pdbx_description
1 polymer 'Proto-oncogene serine/threonine-protein kinase pim-1'
2 polymer pimtide
3 non-polymer 6-{5-[(Z)-(2,4-dioxo-1,3-thiazolidin-5-ylidene)methyl]furan-2-yl}-N-{3-[(4-ethylpiperazin-1-yl)methyl]-5-(trifluoromethyl)phenyl}naphthalene-1-carboxamide
4 non-polymer 'SODIUM ION'
5 non-polymer 'CHLORIDE ION'
6 water water
#
loop_
_entity_poly.entity_id
_entity_poly.type
_entity_poly.pdbx_seq_one_letter_code
_entity_poly.pdbx_strand_id
1 'polypeptide(L)'
;SMLLSKINSLAHLRAAPCNDLHATKLAPGKEKEPLESQYQVGPLLGSGGFGSVYSGIRVSDNLPVAIKHVEKDRISDWGE
LPNGTRVPMEVVLLKKVSSGFSGVIRLLDWFERPDSFVLILERPEPVQDLFDFITERGALQEELARSFFWQVLEAVRHCH
NCGVLHRDIKDENILIDLNRGELKLIDFGSGALLKDTVYTDFDGTRVYSPPEWIRYHRYHGRSAAVWSLGILLYDMVCGD
IPFEHDEEIIGGQVFFRQRVSSECQHLIRWCLALRPSDRPTFEEIQNHPWMQDVLLPQETAEIHLHSLSPGPS
;
A
2 'polypeptide(L)' ARKRRRHPSGPPTA B
#
# COMPACT_ATOMS: atom_id res chain seq x y z
N GLU A 33 19.07 21.49 -13.35
CA GLU A 33 19.47 20.07 -13.52
C GLU A 33 19.86 19.32 -12.21
N PRO A 34 20.51 19.99 -11.22
CA PRO A 34 21.01 19.32 -10.01
C PRO A 34 20.00 19.26 -8.89
N LEU A 35 20.11 18.27 -8.01
CA LEU A 35 19.10 17.98 -6.99
C LEU A 35 18.95 19.04 -5.90
N GLU A 36 20.05 19.66 -5.50
CA GLU A 36 20.06 20.55 -4.33
C GLU A 36 19.43 21.93 -4.57
N SER A 37 19.67 22.52 -5.75
CA SER A 37 19.13 23.86 -6.08
C SER A 37 17.65 23.82 -6.47
N GLN A 38 17.20 22.66 -6.94
CA GLN A 38 15.86 22.54 -7.50
C GLN A 38 14.83 22.15 -6.42
N TYR A 39 15.27 21.57 -5.30
CA TYR A 39 14.40 21.27 -4.15
C TYR A 39 14.98 21.86 -2.86
N GLN A 40 14.12 22.45 -2.03
CA GLN A 40 14.46 22.80 -0.66
C GLN A 40 14.09 21.58 0.22
N VAL A 41 15.09 21.05 0.94
CA VAL A 41 14.92 19.85 1.73
C VAL A 41 14.54 20.24 3.14
N GLY A 42 13.50 19.60 3.67
CA GLY A 42 13.08 19.84 5.02
C GLY A 42 13.34 18.60 5.86
N PRO A 43 12.50 18.37 6.88
CA PRO A 43 12.76 17.35 7.89
C PRO A 43 12.48 15.93 7.46
N LEU A 44 13.10 15.00 8.15
CA LEU A 44 12.86 13.57 7.96
C LEU A 44 11.39 13.22 8.29
N LEU A 45 10.69 12.58 7.38
CA LEU A 45 9.33 12.09 7.63
C LEU A 45 9.35 10.69 8.24
N GLY A 46 10.32 9.89 7.83
CA GLY A 46 10.50 8.55 8.38
C GLY A 46 11.67 7.81 7.77
N SER A 47 11.90 6.60 8.30
CA SER A 47 12.95 5.71 7.83
C SER A 47 12.70 4.26 8.29
N GLY A 48 13.30 3.30 7.59
CA GLY A 48 13.19 1.87 7.95
C GLY A 48 13.47 0.93 6.79
N GLY A 49 12.70 -0.17 6.70
CA GLY A 49 12.75 -1.08 5.56
C GLY A 49 12.41 -0.46 4.19
N PHE A 50 12.13 0.85 4.19
CA PHE A 50 11.92 1.65 2.96
C PHE A 50 13.09 2.61 2.62
N GLY A 51 13.75 3.18 3.63
CA GLY A 51 14.85 4.12 3.41
C GLY A 51 14.82 5.33 4.35
N SER A 52 14.99 6.50 3.76
CA SER A 52 15.08 7.77 4.47
C SER A 52 14.30 8.73 3.60
N VAL A 53 13.21 9.27 4.14
CA VAL A 53 12.27 10.06 3.33
C VAL A 53 12.15 11.41 3.96
N TYR A 54 12.43 12.46 3.19
CA TYR A 54 12.35 13.82 3.70
C TYR A 54 11.19 14.58 3.09
N SER A 55 10.69 15.54 3.85
CA SER A 55 9.74 16.50 3.37
C SER A 55 10.51 17.50 2.59
N GLY A 56 9.92 17.98 1.49
CA GLY A 56 10.56 19.01 0.67
C GLY A 56 9.56 19.84 -0.09
N ILE A 57 10.05 20.91 -0.70
CA ILE A 57 9.23 21.77 -1.52
C ILE A 57 9.99 22.06 -2.80
N ARG A 58 9.32 21.87 -3.93
CA ARG A 58 9.92 22.11 -5.23
C ARG A 58 9.96 23.59 -5.41
N VAL A 59 11.15 24.13 -5.65
CA VAL A 59 11.37 25.57 -5.68
C VAL A 59 10.69 26.26 -6.88
N SER A 60 10.59 25.53 -7.99
CA SER A 60 9.93 26.01 -9.22
C SER A 60 8.61 26.67 -8.88
N ASP A 61 7.80 26.00 -8.06
CA ASP A 61 6.43 26.42 -7.76
C ASP A 61 5.94 26.12 -6.32
N ASN A 62 6.86 25.87 -5.40
CA ASN A 62 6.55 25.52 -4.00
C ASN A 62 5.61 24.32 -3.78
N LEU A 63 5.65 23.35 -4.69
CA LEU A 63 4.85 22.16 -4.57
C LEU A 63 5.42 21.29 -3.45
N PRO A 64 4.56 20.82 -2.53
CA PRO A 64 5.04 19.91 -1.52
C PRO A 64 5.51 18.60 -2.15
N VAL A 65 6.71 18.16 -1.78
CA VAL A 65 7.21 16.87 -2.24
C VAL A 65 7.73 16.04 -1.08
N ALA A 66 7.96 14.75 -1.34
CA ALA A 66 8.64 13.86 -0.42
C ALA A 66 9.88 13.37 -1.20
N ILE A 67 11.04 13.47 -0.56
CA ILE A 67 12.32 13.12 -1.17
C ILE A 67 12.82 11.85 -0.53
N LYS A 68 12.76 10.75 -1.27
CA LYS A 68 13.11 9.43 -0.77
C LYS A 68 14.50 9.01 -1.27
N HIS A 69 15.34 8.57 -0.34
CA HIS A 69 16.69 8.18 -0.68
C HIS A 69 16.85 6.70 -0.45
N VAL A 70 17.35 5.96 -1.46
CA VAL A 70 17.62 4.52 -1.35
C VAL A 70 19.11 4.20 -1.68
N GLU A 71 19.78 3.48 -0.77
CA GLU A 71 21.20 3.14 -0.95
C GLU A 71 21.27 2.09 -2.04
N LYS A 72 22.16 2.27 -3.01
CA LYS A 72 22.33 1.30 -4.07
C LYS A 72 22.70 -0.10 -3.51
N ASP A 73 23.53 -0.12 -2.47
CA ASP A 73 23.95 -1.38 -1.83
C ASP A 73 22.78 -2.19 -1.27
N ARG A 74 21.66 -1.53 -0.93
CA ARG A 74 20.49 -2.21 -0.34
C ARG A 74 19.37 -2.51 -1.36
N ILE A 75 19.64 -2.38 -2.66
CA ILE A 75 18.62 -2.64 -3.68
C ILE A 75 18.87 -3.99 -4.33
N SER A 76 17.95 -4.94 -4.16
CA SER A 76 18.13 -6.29 -4.75
C SER A 76 17.51 -6.43 -6.15
N ASP A 77 16.47 -5.64 -6.42
CA ASP A 77 15.76 -5.76 -7.69
C ASP A 77 15.97 -4.53 -8.59
N TRP A 78 16.56 -4.79 -9.77
CA TRP A 78 16.84 -3.77 -10.78
C TRP A 78 16.07 -4.05 -12.07
N GLY A 79 15.66 -2.96 -12.72
CA GLY A 79 14.99 -3.01 -14.01
C GLY A 79 15.72 -2.12 -14.99
N GLU A 80 15.10 -1.95 -16.15
CA GLU A 80 15.58 -1.04 -17.18
C GLU A 80 14.35 -0.24 -17.62
N LEU A 81 14.57 1.03 -17.99
CA LEU A 81 13.50 1.89 -18.49
C LEU A 81 13.37 1.74 -20.03
N PRO A 82 12.23 2.23 -20.59
CA PRO A 82 12.23 2.61 -22.00
C PRO A 82 13.47 3.46 -22.40
N ASN A 83 13.85 4.47 -21.61
CA ASN A 83 15.09 5.22 -21.86
C ASN A 83 16.25 4.28 -22.21
N GLY A 84 16.46 3.26 -21.39
CA GLY A 84 17.55 2.30 -21.57
C GLY A 84 18.55 2.30 -20.42
N THR A 85 18.59 3.40 -19.66
CA THR A 85 19.45 3.51 -18.47
C THR A 85 18.88 2.63 -17.36
N ARG A 86 19.76 2.01 -16.56
CA ARG A 86 19.37 0.99 -15.56
C ARG A 86 18.95 1.61 -14.22
N VAL A 87 17.79 1.20 -13.71
CA VAL A 87 17.24 1.73 -12.46
C VAL A 87 16.74 0.65 -11.50
N PRO A 88 16.56 1.01 -10.23
CA PRO A 88 15.89 0.10 -9.31
C PRO A 88 14.47 -0.19 -9.77
N MET A 89 14.02 -1.42 -9.57
CA MET A 89 12.66 -1.81 -9.92
C MET A 89 11.64 -0.80 -9.42
N GLU A 90 11.85 -0.27 -8.22
CA GLU A 90 10.91 0.66 -7.66
C GLU A 90 10.62 1.80 -8.61
N VAL A 91 11.68 2.25 -9.30
CA VAL A 91 11.52 3.37 -10.23
C VAL A 91 10.77 2.88 -11.44
N VAL A 92 11.13 1.71 -11.95
CA VAL A 92 10.41 1.16 -13.07
C VAL A 92 8.92 1.07 -12.73
N LEU A 93 8.60 0.51 -11.57
CA LEU A 93 7.20 0.31 -11.19
C LEU A 93 6.46 1.66 -11.01
N LEU A 94 7.09 2.66 -10.36
CA LEU A 94 6.42 3.95 -10.18
C LEU A 94 6.13 4.64 -11.51
N LYS A 95 6.99 4.48 -12.51
CA LYS A 95 6.74 5.17 -13.78
C LYS A 95 5.59 4.48 -14.41
N LYS A 96 5.49 3.16 -14.21
CA LYS A 96 4.44 2.44 -14.93
C LYS A 96 3.06 2.84 -14.40
N VAL A 97 2.97 3.21 -13.11
CA VAL A 97 1.68 3.59 -12.53
C VAL A 97 1.44 5.08 -12.41
N SER A 98 2.47 5.89 -12.63
CA SER A 98 2.32 7.31 -12.34
C SER A 98 1.64 8.01 -13.55
N SER A 99 1.17 7.20 -14.47
CA SER A 99 0.35 7.61 -15.59
C SER A 99 -1.03 8.15 -15.14
N GLY A 100 -1.12 9.47 -15.13
CA GLY A 100 -2.39 10.14 -14.89
C GLY A 100 -2.66 10.33 -13.40
N PHE A 101 -3.94 10.52 -13.08
CA PHE A 101 -4.40 10.78 -11.72
C PHE A 101 -4.89 9.46 -11.06
N SER A 102 -4.53 9.24 -9.79
CA SER A 102 -5.04 8.05 -9.12
CA SER A 102 -5.02 8.05 -9.11
C SER A 102 -4.86 8.05 -7.59
N GLY A 103 -5.26 6.92 -7.01
CA GLY A 103 -4.99 6.57 -5.64
C GLY A 103 -3.63 5.94 -5.45
N VAL A 104 -2.70 6.18 -6.38
CA VAL A 104 -1.30 5.78 -6.23
C VAL A 104 -0.39 7.00 -6.22
N ILE A 105 0.56 7.02 -5.31
CA ILE A 105 1.53 8.09 -5.24
C ILE A 105 2.28 8.26 -6.58
N ARG A 106 2.46 9.51 -6.96
CA ARG A 106 3.10 9.88 -8.21
C ARG A 106 4.62 10.15 -8.05
N LEU A 107 5.45 9.53 -8.89
CA LEU A 107 6.86 9.85 -8.98
C LEU A 107 6.99 11.07 -9.85
N LEU A 108 7.44 12.20 -9.29
CA LEU A 108 7.58 13.42 -10.07
C LEU A 108 8.91 13.41 -10.86
N ASP A 109 9.95 12.83 -10.27
CA ASP A 109 11.31 12.91 -10.83
C ASP A 109 12.19 11.98 -9.99
N TRP A 110 13.38 11.66 -10.50
CA TRP A 110 14.40 10.89 -9.76
C TRP A 110 15.80 11.24 -10.23
N PHE A 111 16.79 10.90 -9.41
CA PHE A 111 18.18 11.23 -9.69
C PHE A 111 19.04 10.05 -9.28
N GLU A 112 20.11 9.83 -10.01
CA GLU A 112 21.13 8.87 -9.60
C GLU A 112 22.28 9.63 -8.94
N ARG A 113 22.70 9.20 -7.75
CA ARG A 113 23.94 9.67 -7.14
C ARG A 113 24.95 8.51 -7.12
N PRO A 114 26.20 8.79 -6.70
CA PRO A 114 27.20 7.72 -6.62
C PRO A 114 26.76 6.45 -5.85
N ASP A 115 26.16 6.60 -4.67
CA ASP A 115 25.79 5.41 -3.89
C ASP A 115 24.31 5.27 -3.61
N SER A 116 23.49 6.06 -4.32
CA SER A 116 22.07 6.03 -4.09
C SER A 116 21.25 6.56 -5.25
N PHE A 117 19.94 6.33 -5.16
CA PHE A 117 18.95 6.97 -6.02
C PHE A 117 18.04 7.83 -5.13
N VAL A 118 17.72 9.00 -5.62
CA VAL A 118 16.82 9.87 -4.93
C VAL A 118 15.54 9.98 -5.74
N LEU A 119 14.41 9.75 -5.09
CA LEU A 119 13.10 9.76 -5.75
C LEU A 119 12.33 10.96 -5.24
N ILE A 120 11.81 11.80 -6.14
CA ILE A 120 10.94 12.88 -5.74
C ILE A 120 9.49 12.44 -5.95
N LEU A 121 8.75 12.32 -4.87
CA LEU A 121 7.36 11.93 -4.88
C LEU A 121 6.43 13.06 -4.48
N GLU A 122 5.19 12.95 -4.94
CA GLU A 122 4.06 13.75 -4.45
C GLU A 122 4.02 13.76 -2.95
N ARG A 123 3.55 14.86 -2.37
CA ARG A 123 3.21 14.88 -0.95
C ARG A 123 1.88 15.60 -0.72
N PRO A 124 0.84 14.85 -0.40
CA PRO A 124 -0.38 15.51 0.06
C PRO A 124 -0.16 16.17 1.41
N GLU A 125 -0.87 17.25 1.65
CA GLU A 125 -0.75 18.01 2.87
C GLU A 125 -2.12 18.63 3.09
N PRO A 126 -2.70 18.46 4.28
CA PRO A 126 -2.24 17.63 5.39
C PRO A 126 -2.52 16.18 5.11
N VAL A 127 -1.69 15.32 5.68
CA VAL A 127 -1.72 13.89 5.48
C VAL A 127 -1.52 13.12 6.80
N GLN A 128 -2.08 11.91 6.86
CA GLN A 128 -1.77 10.93 7.91
C GLN A 128 -1.80 9.55 7.32
N ASP A 129 -0.88 8.70 7.78
CA ASP A 129 -0.85 7.34 7.27
C ASP A 129 -1.93 6.55 7.96
N LEU A 130 -2.40 5.51 7.29
CA LEU A 130 -3.55 4.76 7.78
C LEU A 130 -3.18 4.01 9.04
N PHE A 131 -1.92 3.67 9.24
CA PHE A 131 -1.54 2.98 10.46
C PHE A 131 -1.74 3.89 11.68
N ASP A 132 -1.17 5.09 11.67
CA ASP A 132 -1.38 6.05 12.75
C ASP A 132 -2.85 6.43 12.91
N PHE A 133 -3.56 6.49 11.79
CA PHE A 133 -4.95 6.88 11.81
C PHE A 133 -5.73 5.84 12.60
N ILE A 134 -5.54 4.55 12.28
CA ILE A 134 -6.22 3.47 13.04
C ILE A 134 -5.69 3.40 14.49
N THR A 135 -4.43 3.69 14.75
CA THR A 135 -3.99 3.68 16.14
C THR A 135 -4.71 4.71 16.95
N GLU A 136 -4.80 5.92 16.39
CA GLU A 136 -5.43 7.06 17.07
C GLU A 136 -6.95 6.86 17.25
N ARG A 137 -7.60 6.32 16.24
CA ARG A 137 -9.08 6.30 16.26
C ARG A 137 -9.69 4.99 16.67
N GLY A 138 -8.87 3.94 16.66
CA GLY A 138 -9.32 2.57 16.87
C GLY A 138 -10.08 2.01 15.68
N ALA A 139 -10.90 0.99 15.94
CA ALA A 139 -11.69 0.33 14.92
C ALA A 139 -12.55 1.37 14.17
N LEU A 140 -12.51 1.34 12.86
CA LEU A 140 -13.25 2.31 12.09
C LEU A 140 -14.68 1.88 11.89
N GLN A 141 -15.56 2.86 11.92
CA GLN A 141 -16.92 2.64 11.50
C GLN A 141 -16.92 2.01 10.11
N GLU A 142 -17.91 1.14 9.88
CA GLU A 142 -17.97 0.40 8.65
C GLU A 142 -18.09 1.32 7.41
N GLU A 143 -18.84 2.40 7.52
CA GLU A 143 -19.01 3.32 6.41
C GLU A 143 -17.66 3.87 6.00
N LEU A 144 -16.82 4.14 6.99
CA LEU A 144 -15.53 4.69 6.73
C LEU A 144 -14.60 3.61 6.24
N ALA A 145 -14.68 2.43 6.82
CA ALA A 145 -13.87 1.31 6.31
C ALA A 145 -14.22 1.03 4.86
N ARG A 146 -15.51 1.11 4.53
CA ARG A 146 -15.98 0.80 3.18
C ARG A 146 -15.39 1.81 2.19
N SER A 147 -15.46 3.10 2.49
CA SER A 147 -14.93 4.10 1.56
C SER A 147 -13.43 3.92 1.40
N PHE A 148 -12.72 3.68 2.49
CA PHE A 148 -11.28 3.50 2.40
C PHE A 148 -10.87 2.24 1.60
N PHE A 149 -11.53 1.15 1.92
CA PHE A 149 -11.21 -0.12 1.33
C PHE A 149 -11.53 -0.08 -0.15
N TRP A 150 -12.63 0.56 -0.50
CA TRP A 150 -12.99 0.73 -1.90
C TRP A 150 -11.90 1.47 -2.64
N GLN A 151 -11.44 2.58 -2.06
CA GLN A 151 -10.37 3.35 -2.70
C GLN A 151 -9.08 2.55 -2.78
N VAL A 152 -8.81 1.70 -1.80
CA VAL A 152 -7.59 0.83 -1.90
C VAL A 152 -7.79 -0.15 -3.06
N LEU A 153 -8.97 -0.75 -3.15
CA LEU A 153 -9.26 -1.63 -4.29
C LEU A 153 -9.05 -0.96 -5.66
N GLU A 154 -9.56 0.26 -5.85
CA GLU A 154 -9.38 0.96 -7.09
C GLU A 154 -7.90 1.21 -7.39
N ALA A 155 -7.14 1.57 -6.37
CA ALA A 155 -5.69 1.81 -6.54
C ALA A 155 -4.94 0.54 -6.95
N VAL A 156 -5.28 -0.59 -6.33
CA VAL A 156 -4.60 -1.85 -6.64
C VAL A 156 -5.00 -2.34 -8.04
N ARG A 157 -6.26 -2.13 -8.44
CA ARG A 157 -6.68 -2.42 -9.82
C ARG A 157 -5.88 -1.58 -10.80
N HIS A 158 -5.67 -0.32 -10.45
CA HIS A 158 -4.82 0.52 -11.25
C HIS A 158 -3.44 -0.06 -11.42
N CYS A 159 -2.79 -0.44 -10.32
CA CYS A 159 -1.47 -1.01 -10.45
C CYS A 159 -1.53 -2.23 -11.35
N HIS A 160 -2.50 -3.12 -11.12
CA HIS A 160 -2.57 -4.34 -11.90
C HIS A 160 -2.82 -4.06 -13.37
N ASN A 161 -3.62 -3.04 -13.70
CA ASN A 161 -3.84 -2.63 -15.10
C ASN A 161 -2.60 -2.07 -15.75
N CYS A 162 -1.72 -1.48 -14.95
CA CYS A 162 -0.44 -0.99 -15.45
C CYS A 162 0.67 -2.04 -15.42
N GLY A 163 0.38 -3.29 -15.07
CA GLY A 163 1.41 -4.34 -15.07
C GLY A 163 2.26 -4.38 -13.78
N VAL A 164 1.76 -3.76 -12.71
CA VAL A 164 2.51 -3.67 -11.48
C VAL A 164 1.83 -4.36 -10.31
N LEU A 165 2.58 -5.17 -9.59
CA LEU A 165 2.10 -5.85 -8.37
C LEU A 165 2.82 -5.21 -7.19
N HIS A 166 2.08 -4.62 -6.26
CA HIS A 166 2.72 -3.87 -5.18
C HIS A 166 3.47 -4.74 -4.15
N ARG A 167 2.83 -5.82 -3.68
CA ARG A 167 3.42 -6.81 -2.79
C ARG A 167 3.62 -6.38 -1.33
N ASP A 168 3.16 -5.21 -0.99
CA ASP A 168 3.25 -4.76 0.39
C ASP A 168 2.07 -3.90 0.80
N ILE A 169 0.87 -4.33 0.41
CA ILE A 169 -0.34 -3.58 0.77
C ILE A 169 -0.54 -3.72 2.29
N LYS A 170 -0.60 -2.60 2.98
CA LYS A 170 -0.83 -2.55 4.42
C LYS A 170 -1.13 -1.12 4.82
N ASP A 171 -1.69 -0.94 6.01
CA ASP A 171 -2.08 0.39 6.49
C ASP A 171 -0.90 1.37 6.49
N GLU A 172 0.30 0.88 6.81
CA GLU A 172 1.49 1.71 6.81
C GLU A 172 1.80 2.31 5.45
N ASN A 173 1.41 1.64 4.37
CA ASN A 173 1.71 2.08 3.01
C ASN A 173 0.51 2.70 2.34
N ILE A 174 -0.36 3.30 3.15
CA ILE A 174 -1.50 4.07 2.65
C ILE A 174 -1.55 5.42 3.34
N LEU A 175 -1.52 6.48 2.53
CA LEU A 175 -1.67 7.85 3.02
C LEU A 175 -3.09 8.32 2.83
N ILE A 176 -3.57 9.10 3.80
CA ILE A 176 -4.89 9.71 3.72
C ILE A 176 -4.67 11.23 3.56
N ASP A 177 -5.20 11.81 2.49
CA ASP A 177 -5.24 13.24 2.29
C ASP A 177 -6.44 13.67 3.08
N LEU A 178 -6.19 14.36 4.18
CA LEU A 178 -7.24 14.58 5.17
C LEU A 178 -8.31 15.57 4.67
N ASN A 179 -7.95 16.47 3.77
CA ASN A 179 -8.87 17.47 3.26
C ASN A 179 -9.75 16.94 2.09
N ARG A 180 -9.15 16.15 1.21
CA ARG A 180 -9.85 15.57 0.05
C ARG A 180 -10.51 14.17 0.31
N GLY A 181 -10.08 13.49 1.37
CA GLY A 181 -10.68 12.20 1.71
C GLY A 181 -10.21 11.11 0.75
N GLU A 182 -9.08 11.37 0.10
CA GLU A 182 -8.47 10.46 -0.86
C GLU A 182 -7.30 9.67 -0.28
N LEU A 183 -7.28 8.38 -0.58
CA LEU A 183 -6.18 7.55 -0.17
C LEU A 183 -5.17 7.35 -1.29
N LYS A 184 -3.90 7.25 -0.91
CA LYS A 184 -2.79 7.07 -1.85
C LYS A 184 -1.93 5.88 -1.42
N LEU A 185 -1.66 4.96 -2.32
CA LEU A 185 -0.81 3.84 -2.04
C LEU A 185 0.61 4.26 -2.24
N ILE A 186 1.46 4.00 -1.27
CA ILE A 186 2.85 4.36 -1.35
C ILE A 186 3.74 3.15 -1.21
N ASP A 187 5.02 3.36 -1.51
CA ASP A 187 6.12 2.42 -1.26
C ASP A 187 6.08 1.15 -2.08
N PHE A 188 6.52 1.31 -3.32
CA PHE A 188 6.62 0.21 -4.28
C PHE A 188 7.96 -0.52 -4.22
N GLY A 189 8.72 -0.30 -3.15
CA GLY A 189 10.05 -0.91 -3.01
C GLY A 189 10.10 -2.41 -2.86
N SER A 190 8.96 -3.05 -2.62
CA SER A 190 8.91 -4.51 -2.55
C SER A 190 8.14 -5.06 -3.74
N GLY A 191 7.73 -4.21 -4.68
CA GLY A 191 6.88 -4.67 -5.78
C GLY A 191 7.59 -5.43 -6.90
N ALA A 192 6.81 -5.93 -7.86
CA ALA A 192 7.35 -6.59 -9.06
C ALA A 192 6.48 -6.29 -10.28
N LEU A 193 7.03 -6.49 -11.45
CA LEU A 193 6.18 -6.62 -12.63
C LEU A 193 5.14 -7.71 -12.31
N LEU A 194 3.89 -7.43 -12.65
CA LEU A 194 2.81 -8.43 -12.56
C LEU A 194 3.04 -9.55 -13.60
N LYS A 195 3.01 -10.80 -13.15
CA LYS A 195 3.00 -11.97 -14.03
C LYS A 195 1.96 -12.97 -13.55
N ASP A 196 1.62 -13.90 -14.44
CA ASP A 196 0.61 -14.89 -14.16
C ASP A 196 1.24 -16.21 -13.65
N THR A 197 2.57 -16.31 -13.73
CA THR A 197 3.26 -17.49 -13.23
C THR A 197 3.55 -17.28 -11.76
N VAL A 198 4.16 -18.29 -11.15
CA VAL A 198 4.41 -18.34 -9.73
C VAL A 198 5.54 -17.39 -9.29
N TYR A 199 5.35 -16.72 -8.16
CA TYR A 199 6.43 -16.01 -7.47
C TYR A 199 7.04 -16.90 -6.37
N THR A 200 8.38 -16.94 -6.32
CA THR A 200 9.11 -17.67 -5.30
C THR A 200 10.02 -16.73 -4.46
N ASP A 201 9.86 -15.43 -4.61
CA ASP A 201 10.65 -14.44 -3.85
C ASP A 201 9.63 -13.50 -3.20
N PHE A 202 9.94 -12.96 -2.02
CA PHE A 202 9.06 -12.00 -1.37
C PHE A 202 9.80 -11.24 -0.29
N ASP A 203 9.63 -9.92 -0.26
CA ASP A 203 10.28 -9.05 0.75
C ASP A 203 9.32 -7.99 1.28
N GLY A 204 8.03 -8.28 1.20
CA GLY A 204 7.02 -7.43 1.79
C GLY A 204 6.89 -7.76 3.24
N THR A 205 5.73 -7.47 3.80
CA THR A 205 5.50 -7.62 5.19
C THR A 205 4.89 -8.98 5.52
N ARG A 206 5.53 -9.73 6.41
CA ARG A 206 5.15 -11.10 6.65
C ARG A 206 3.75 -11.28 7.22
N VAL A 207 3.34 -10.37 8.10
CA VAL A 207 2.01 -10.52 8.72
C VAL A 207 0.89 -10.23 7.77
N TYR A 208 1.19 -9.66 6.59
CA TYR A 208 0.21 -9.54 5.49
C TYR A 208 0.38 -10.57 4.40
N SER A 209 1.37 -11.46 4.57
CA SER A 209 1.73 -12.45 3.54
C SER A 209 0.80 -13.66 3.68
N PRO A 210 0.52 -14.35 2.57
CA PRO A 210 -0.46 -15.40 2.66
C PRO A 210 0.08 -16.76 3.06
N PRO A 211 -0.82 -17.68 3.37
CA PRO A 211 -0.42 -18.92 3.94
C PRO A 211 0.39 -19.80 3.02
N GLU A 212 0.13 -19.70 1.73
CA GLU A 212 0.93 -20.43 0.71
C GLU A 212 2.38 -19.94 0.67
N TRP A 213 2.62 -18.68 1.01
CA TRP A 213 4.02 -18.19 1.14
C TRP A 213 4.70 -18.72 2.41
N ILE A 214 3.99 -18.65 3.53
CA ILE A 214 4.46 -19.20 4.82
C ILE A 214 4.84 -20.65 4.67
N ARG A 215 3.94 -21.52 4.19
CA ARG A 215 4.21 -22.96 4.12
C ARG A 215 5.10 -23.37 2.97
N TYR A 216 4.90 -22.79 1.80
CA TYR A 216 5.57 -23.33 0.59
C TYR A 216 6.52 -22.37 -0.12
N HIS A 217 6.57 -21.12 0.29
CA HIS A 217 7.44 -20.14 -0.33
C HIS A 217 7.06 -19.95 -1.82
N ARG A 218 5.76 -20.03 -2.12
CA ARG A 218 5.20 -19.80 -3.45
C ARG A 218 3.88 -19.05 -3.31
N TYR A 219 3.59 -18.17 -4.25
CA TYR A 219 2.27 -17.53 -4.38
C TYR A 219 2.05 -17.04 -5.81
N HIS A 220 0.78 -16.75 -6.10
CA HIS A 220 0.45 -16.06 -7.34
C HIS A 220 0.04 -14.66 -6.95
N GLY A 221 0.26 -13.70 -7.84
CA GLY A 221 0.20 -12.28 -7.46
C GLY A 221 -1.16 -11.79 -6.99
N ARG A 222 -2.15 -12.04 -7.81
CA ARG A 222 -3.48 -11.55 -7.51
C ARG A 222 -4.05 -12.14 -6.26
N SER A 223 -3.89 -13.45 -6.10
CA SER A 223 -4.49 -14.11 -4.98
C SER A 223 -3.79 -13.71 -3.66
N ALA A 224 -2.47 -13.54 -3.71
CA ALA A 224 -1.71 -13.01 -2.57
C ALA A 224 -2.16 -11.61 -2.27
N ALA A 225 -2.43 -10.80 -3.31
CA ALA A 225 -2.87 -9.42 -3.05
C ALA A 225 -4.20 -9.43 -2.32
N VAL A 226 -5.09 -10.32 -2.73
CA VAL A 226 -6.43 -10.35 -2.11
C VAL A 226 -6.33 -10.77 -0.62
N TRP A 227 -5.50 -11.75 -0.32
CA TRP A 227 -5.25 -12.09 1.07
C TRP A 227 -4.84 -10.86 1.86
N SER A 228 -3.87 -10.12 1.36
CA SER A 228 -3.39 -8.95 2.09
C SER A 228 -4.48 -7.88 2.26
N LEU A 229 -5.39 -7.78 1.30
CA LEU A 229 -6.53 -6.87 1.41
C LEU A 229 -7.48 -7.35 2.50
N GLY A 230 -7.63 -8.67 2.63
CA GLY A 230 -8.38 -9.25 3.74
C GLY A 230 -7.82 -8.87 5.11
N ILE A 231 -6.50 -8.94 5.25
CA ILE A 231 -5.81 -8.47 6.46
C ILE A 231 -6.09 -6.99 6.72
N LEU A 232 -5.98 -6.18 5.65
CA LEU A 232 -6.19 -4.75 5.76
C LEU A 232 -7.61 -4.43 6.18
N LEU A 233 -8.59 -5.11 5.61
CA LEU A 233 -9.96 -4.84 5.95
C LEU A 233 -10.25 -5.21 7.42
N TYR A 234 -9.69 -6.33 7.88
CA TYR A 234 -9.88 -6.74 9.27
C TYR A 234 -9.24 -5.66 10.13
N ASP A 235 -8.05 -5.25 9.77
CA ASP A 235 -7.35 -4.18 10.45
C ASP A 235 -8.21 -2.94 10.61
N MET A 236 -8.90 -2.56 9.54
CA MET A 236 -9.78 -1.39 9.56
C MET A 236 -10.95 -1.59 10.51
N VAL A 237 -11.65 -2.70 10.38
CA VAL A 237 -12.89 -2.84 11.15
C VAL A 237 -12.68 -3.30 12.59
N CYS A 238 -11.49 -3.76 12.91
CA CYS A 238 -11.20 -4.33 14.23
C CYS A 238 -10.14 -3.56 15.01
N GLY A 239 -9.36 -2.73 14.31
CA GLY A 239 -8.41 -1.83 14.96
C GLY A 239 -6.99 -2.37 15.04
N ASP A 240 -6.80 -3.63 14.64
CA ASP A 240 -5.48 -4.20 14.44
C ASP A 240 -5.60 -5.42 13.55
N ILE A 241 -4.48 -5.91 13.04
CA ILE A 241 -4.49 -7.02 12.13
C ILE A 241 -4.87 -8.31 12.89
N PRO A 242 -5.37 -9.32 12.16
CA PRO A 242 -5.78 -10.52 12.84
C PRO A 242 -4.65 -11.43 13.32
N PHE A 243 -3.53 -11.44 12.63
CA PHE A 243 -2.53 -12.47 12.87
C PHE A 243 -1.17 -11.83 13.06
N GLU A 244 -0.42 -12.38 14.01
CA GLU A 244 0.95 -11.99 14.28
C GLU A 244 1.90 -13.17 14.04
N HIS A 245 1.46 -14.40 14.31
CA HIS A 245 2.36 -15.56 14.19
C HIS A 245 2.00 -16.45 13.00
N ASP A 246 3.02 -17.11 12.46
CA ASP A 246 2.87 -18.02 11.31
C ASP A 246 1.71 -19.00 11.49
N GLU A 247 1.65 -19.60 12.65
CA GLU A 247 0.66 -20.60 12.96
C GLU A 247 -0.76 -20.03 12.87
N GLU A 248 -0.91 -18.76 13.22
CA GLU A 248 -2.20 -18.09 13.03
C GLU A 248 -2.45 -17.85 11.55
N ILE A 249 -1.42 -17.43 10.81
CA ILE A 249 -1.58 -17.16 9.34
C ILE A 249 -2.06 -18.43 8.61
N ILE A 250 -1.45 -19.58 8.90
CA ILE A 250 -1.82 -20.81 8.21
C ILE A 250 -3.04 -21.53 8.84
N GLY A 251 -3.49 -21.08 10.01
CA GLY A 251 -4.50 -21.81 10.78
C GLY A 251 -5.93 -21.68 10.23
N GLY A 252 -6.24 -20.61 9.54
CA GLY A 252 -7.54 -20.54 8.86
C GLY A 252 -8.72 -20.25 9.79
N GLN A 253 -8.45 -19.40 10.80
CA GLN A 253 -9.48 -19.03 11.78
C GLN A 253 -9.43 -17.52 12.02
N VAL A 254 -10.54 -16.86 11.75
CA VAL A 254 -10.65 -15.43 11.94
C VAL A 254 -11.60 -15.22 13.12
N PHE A 255 -11.05 -14.77 14.25
CA PHE A 255 -11.83 -14.39 15.43
C PHE A 255 -12.00 -12.89 15.36
N PHE A 256 -13.24 -12.43 15.45
CA PHE A 256 -13.56 -10.99 15.45
C PHE A 256 -13.61 -10.43 16.86
N ARG A 257 -12.80 -9.43 17.10
CA ARG A 257 -12.59 -8.87 18.45
C ARG A 257 -13.44 -7.62 18.65
N GLN A 258 -14.09 -7.18 17.58
CA GLN A 258 -15.02 -6.07 17.58
C GLN A 258 -16.32 -6.55 16.92
N ARG A 259 -17.39 -5.85 17.25
CA ARG A 259 -18.61 -5.96 16.57
C ARG A 259 -18.41 -5.58 15.14
N VAL A 260 -18.60 -6.56 14.25
CA VAL A 260 -18.51 -6.38 12.78
C VAL A 260 -19.74 -7.06 12.14
N SER A 261 -20.39 -6.35 11.22
CA SER A 261 -21.55 -6.87 10.52
C SER A 261 -21.22 -8.23 9.87
N SER A 262 -22.24 -9.08 9.76
CA SER A 262 -22.09 -10.37 9.08
C SER A 262 -21.59 -10.28 7.66
N GLU A 263 -22.01 -9.25 6.93
CA GLU A 263 -21.65 -9.12 5.51
C GLU A 263 -20.16 -8.81 5.44
N CYS A 264 -19.72 -7.93 6.32
CA CYS A 264 -18.31 -7.60 6.36
C CYS A 264 -17.45 -8.80 6.79
N GLN A 265 -17.86 -9.51 7.85
CA GLN A 265 -17.09 -10.70 8.28
C GLN A 265 -16.99 -11.70 7.10
N HIS A 266 -18.04 -11.79 6.30
CA HIS A 266 -18.07 -12.75 5.19
C HIS A 266 -17.05 -12.35 4.15
N LEU A 267 -16.96 -11.05 3.85
CA LEU A 267 -15.98 -10.57 2.89
C LEU A 267 -14.57 -10.81 3.42
N ILE A 268 -14.35 -10.52 4.69
CA ILE A 268 -12.99 -10.67 5.23
C ILE A 268 -12.66 -12.15 5.11
N ARG A 269 -13.58 -13.00 5.54
CA ARG A 269 -13.31 -14.45 5.53
C ARG A 269 -13.06 -15.04 4.13
N TRP A 270 -13.79 -14.53 3.14
CA TRP A 270 -13.58 -14.92 1.74
C TRP A 270 -12.17 -14.51 1.27
N CYS A 271 -11.78 -13.27 1.55
CA CYS A 271 -10.43 -12.77 1.20
C CYS A 271 -9.33 -13.61 1.83
N LEU A 272 -9.56 -14.09 3.06
CA LEU A 272 -8.63 -14.93 3.83
C LEU A 272 -8.94 -16.43 3.76
N ALA A 273 -9.59 -16.87 2.68
CA ALA A 273 -9.65 -18.29 2.38
C ALA A 273 -8.23 -18.86 2.28
N LEU A 274 -8.01 -20.00 2.92
CA LEU A 274 -6.73 -20.64 2.93
C LEU A 274 -6.33 -21.05 1.50
N ARG A 275 -7.22 -21.68 0.74
CA ARG A 275 -6.88 -22.04 -0.65
C ARG A 275 -7.00 -20.83 -1.54
N PRO A 276 -5.89 -20.40 -2.17
CA PRO A 276 -5.89 -19.19 -3.03
C PRO A 276 -7.01 -19.16 -4.08
N SER A 277 -7.25 -20.28 -4.73
CA SER A 277 -8.29 -20.35 -5.74
C SER A 277 -9.68 -20.12 -5.16
N ASP A 278 -9.83 -20.22 -3.84
CA ASP A 278 -11.10 -19.94 -3.16
C ASP A 278 -11.30 -18.47 -2.84
N ARG A 279 -10.27 -17.64 -2.96
CA ARG A 279 -10.41 -16.21 -2.72
C ARG A 279 -11.17 -15.52 -3.86
N PRO A 280 -11.80 -14.36 -3.55
CA PRO A 280 -12.49 -13.62 -4.58
C PRO A 280 -11.54 -12.88 -5.47
N THR A 281 -12.00 -12.65 -6.72
CA THR A 281 -11.38 -11.67 -7.64
C THR A 281 -11.68 -10.25 -7.13
N PHE A 282 -10.99 -9.26 -7.69
CA PHE A 282 -11.25 -7.89 -7.36
C PHE A 282 -12.68 -7.52 -7.70
N GLU A 283 -13.21 -8.08 -8.78
CA GLU A 283 -14.56 -7.80 -9.21
C GLU A 283 -15.56 -8.27 -8.18
N GLU A 284 -15.37 -9.49 -7.73
CA GLU A 284 -16.23 -10.13 -6.73
C GLU A 284 -16.20 -9.40 -5.40
N ILE A 285 -15.02 -8.95 -5.01
CA ILE A 285 -14.89 -8.03 -3.87
C ILE A 285 -15.73 -6.78 -4.07
N GLN A 286 -15.55 -6.12 -5.20
CA GLN A 286 -16.27 -4.88 -5.45
C GLN A 286 -17.77 -5.04 -5.69
N ASN A 287 -18.22 -6.25 -6.05
CA ASN A 287 -19.66 -6.52 -6.16
C ASN A 287 -20.24 -7.12 -4.89
N HIS A 288 -19.40 -7.30 -3.86
CA HIS A 288 -19.89 -7.90 -2.62
C HIS A 288 -20.97 -7.00 -2.03
N PRO A 289 -22.02 -7.57 -1.43
CA PRO A 289 -23.00 -6.71 -0.83
C PRO A 289 -22.47 -5.70 0.19
N TRP A 290 -21.43 -6.05 0.94
CA TRP A 290 -20.94 -5.14 1.94
C TRP A 290 -20.33 -3.88 1.28
N MET A 291 -19.92 -3.99 0.02
CA MET A 291 -19.28 -2.90 -0.70
C MET A 291 -20.17 -1.90 -1.41
N GLN A 292 -21.48 -2.08 -1.36
CA GLN A 292 -22.39 -1.18 -2.11
C GLN A 292 -22.68 0.17 -1.38
N ASP A 293 -23.00 1.19 -2.17
CA ASP A 293 -23.33 2.54 -1.67
C ASP A 293 -22.11 3.20 -0.98
N VAL A 294 -20.95 3.04 -1.57
CA VAL A 294 -19.74 3.66 -1.02
C VAL A 294 -19.86 5.18 -1.06
N LEU A 295 -19.35 5.84 -0.03
CA LEU A 295 -19.22 7.29 -0.02
C LEU A 295 -18.21 7.78 -1.07
N LEU A 296 -18.47 8.95 -1.63
CA LEU A 296 -17.48 9.67 -2.45
C LEU A 296 -16.32 10.14 -1.52
N PRO A 297 -15.14 10.44 -2.09
CA PRO A 297 -14.05 10.94 -1.23
C PRO A 297 -14.37 12.23 -0.47
N GLN A 298 -15.00 13.20 -1.12
CA GLN A 298 -15.41 14.43 -0.42
C GLN A 298 -16.40 14.19 0.70
N GLU A 299 -17.36 13.30 0.47
CA GLU A 299 -18.33 12.95 1.49
C GLU A 299 -17.57 12.34 2.68
N THR A 300 -16.61 11.49 2.37
CA THR A 300 -15.81 10.80 3.40
C THR A 300 -15.05 11.82 4.28
N ALA A 301 -14.37 12.78 3.66
CA ALA A 301 -13.70 13.85 4.39
C ALA A 301 -14.69 14.63 5.22
N GLU A 302 -15.80 15.05 4.62
CA GLU A 302 -16.79 15.84 5.33
C GLU A 302 -17.38 15.14 6.57
N ILE A 303 -17.72 13.87 6.46
CA ILE A 303 -18.39 13.13 7.54
C ILE A 303 -17.41 12.61 8.58
N HIS A 304 -16.27 12.12 8.13
CA HIS A 304 -15.39 11.35 8.98
C HIS A 304 -14.05 11.97 9.26
N LEU A 305 -13.70 13.04 8.55
CA LEU A 305 -12.33 13.51 8.60
C LEU A 305 -12.16 15.00 9.02
N HIS A 306 -13.17 15.86 8.85
CA HIS A 306 -13.08 17.26 9.35
C HIS A 306 -13.79 17.32 10.70
N ARG B 2 -3.81 -4.14 24.48
CA ARG B 2 -3.05 -5.26 23.80
C ARG B 2 -2.18 -4.58 22.75
N LYS B 3 -1.02 -5.17 22.36
CA LYS B 3 -0.02 -4.31 21.68
C LYS B 3 -0.06 -4.26 20.14
N ARG B 4 -0.33 -3.07 19.63
CA ARG B 4 -0.45 -2.86 18.20
C ARG B 4 0.85 -2.23 17.77
N ARG B 5 1.43 -2.75 16.71
CA ARG B 5 2.69 -2.25 16.24
C ARG B 5 2.89 -2.35 14.71
N ARG B 6 3.83 -1.54 14.23
CA ARG B 6 4.24 -1.56 12.87
C ARG B 6 4.98 -2.86 12.64
N HIS B 7 5.16 -3.22 11.37
CA HIS B 7 5.95 -4.41 11.00
C HIS B 7 6.81 -4.08 9.79
N PRO B 8 8.14 -4.05 9.95
CA PRO B 8 9.01 -3.71 8.79
C PRO B 8 8.87 -4.74 7.65
N SER B 9 9.06 -4.27 6.41
CA SER B 9 8.97 -5.12 5.23
C SER B 9 10.35 -5.57 4.91
N GLY B 10 11.02 -4.73 4.11
CA GLY B 10 12.39 -4.95 3.59
C GLY B 10 12.85 -6.38 3.34
#